data_1GL4
#
_entry.id   1GL4
#
_cell.length_a   55.920
_cell.length_b   72.300
_cell.length_c   103.930
_cell.angle_alpha   90.00
_cell.angle_beta   90.00
_cell.angle_gamma   90.00
#
_symmetry.space_group_name_H-M   'P 21 21 21'
#
loop_
_entity.id
_entity.type
_entity.pdbx_description
1 polymer NIDOGEN-1
2 polymer 'BASEMENT MEMBRANE-SPECIFIC HEPARAN SULFATE PROTEOGLYCAN CORE PROTEIN'
3 non-polymer 'ZINC ION'
4 non-polymer '4-(2-HYDROXYETHYL)-1-PIPERAZINE ETHANESULFONIC ACID'
5 water water
#
loop_
_entity_poly.entity_id
_entity_poly.type
_entity_poly.pdbx_seq_one_letter_code
_entity_poly.pdbx_strand_id
1 'polypeptide(L)'
;APLAQQTCANNRHQCSVHAECRDYATGFCCRCVANYTGNGRQCVAEGSPQRVNGKVKGRIFVGSSQVPVVFENTDLHSYV
VMNHGRSYTAISTIPETVGYSLLPLAPIGGIIGWMFAVEQDGFKNGFSITGGEFTRQAEVTFLGHPGKLVLKQQFSGIDE
HGHLTISTELEGRVPQIPYGASVHIEPYTELYHYSSSVITSSSTREYTVMEPDQDGAAPSHTHIYQWRQTITFQECAHDD
ARPALPSTQQLSVDSVFVLYNKEERILRYALSNSIGPVRDGSPDA
;
A
2 'polypeptide(L)'
;APLAAPSKPIMVTVEEQRSQSVRPGADVTFICTAKSKSPAYTLVWTRLHNGKLPSRAMDFNGILTIRNVQPSDAGTYVCT
GSNMFAMDQGTATLHVQV
;
B
#
loop_
_chem_comp.id
_chem_comp.type
_chem_comp.name
_chem_comp.formula
EPE non-polymer '4-(2-HYDROXYETHYL)-1-PIPERAZINE ETHANESULFONIC ACID' 'C8 H18 N2 O4 S'
ZN non-polymer 'ZINC ION' 'Zn 2'
#
# COMPACT_ATOMS: atom_id res chain seq x y z
N THR A 7 28.88 -1.61 -21.96
CA THR A 7 29.62 -0.68 -21.06
C THR A 7 28.84 0.62 -20.83
N CYS A 8 29.29 1.41 -19.87
CA CYS A 8 28.63 2.67 -19.55
C CYS A 8 28.65 3.62 -20.74
N ALA A 9 29.82 3.79 -21.35
CA ALA A 9 29.98 4.67 -22.49
C ALA A 9 28.94 4.38 -23.58
N ASN A 10 28.39 3.17 -23.57
CA ASN A 10 27.41 2.78 -24.57
C ASN A 10 25.98 2.70 -24.04
N ASN A 11 25.81 2.31 -22.78
CA ASN A 11 24.47 2.17 -22.22
C ASN A 11 24.21 2.88 -20.89
N ARG A 12 24.72 4.10 -20.75
CA ARG A 12 24.49 4.87 -19.53
C ARG A 12 23.01 5.21 -19.42
N HIS A 13 22.36 5.40 -20.56
CA HIS A 13 20.95 5.74 -20.60
C HIS A 13 20.07 4.68 -19.95
N GLN A 14 20.63 3.50 -19.71
CA GLN A 14 19.88 2.41 -19.08
C GLN A 14 19.67 2.72 -17.60
N CYS A 15 20.55 3.56 -17.05
CA CYS A 15 20.47 3.93 -15.64
C CYS A 15 19.52 5.10 -15.39
N SER A 16 19.13 5.26 -14.13
CA SER A 16 18.26 6.35 -13.72
C SER A 16 19.12 7.62 -13.81
N VAL A 17 18.50 8.77 -14.05
CA VAL A 17 19.26 10.01 -14.13
C VAL A 17 19.84 10.32 -12.75
N HIS A 18 19.26 9.71 -11.71
CA HIS A 18 19.72 9.92 -10.36
C HIS A 18 20.66 8.80 -9.92
N ALA A 19 21.29 8.14 -10.88
CA ALA A 19 22.20 7.04 -10.57
C ALA A 19 23.56 7.14 -11.27
N GLU A 20 24.53 6.38 -10.74
CA GLU A 20 25.88 6.34 -11.30
C GLU A 20 26.09 5.01 -12.03
N CYS A 21 26.88 5.04 -13.10
CA CYS A 21 27.17 3.84 -13.86
C CYS A 21 28.61 3.41 -13.60
N ARG A 22 28.84 2.10 -13.54
CA ARG A 22 30.17 1.59 -13.30
C ARG A 22 30.42 0.36 -14.16
N ASP A 23 31.61 0.26 -14.74
CA ASP A 23 31.94 -0.87 -15.60
C ASP A 23 32.63 -2.00 -14.85
N TYR A 24 32.40 -3.22 -15.31
CA TYR A 24 32.98 -4.40 -14.72
C TYR A 24 33.43 -5.35 -15.81
N ALA A 25 34.16 -6.39 -15.44
CA ALA A 25 34.66 -7.37 -16.39
C ALA A 25 33.61 -7.80 -17.41
N THR A 26 32.48 -8.30 -16.92
CA THR A 26 31.41 -8.78 -17.78
C THR A 26 30.35 -7.76 -18.18
N GLY A 27 30.31 -6.63 -17.49
CA GLY A 27 29.31 -5.62 -17.83
C GLY A 27 29.26 -4.47 -16.85
N PHE A 28 28.21 -3.67 -16.94
CA PHE A 28 28.04 -2.52 -16.06
C PHE A 28 26.80 -2.66 -15.18
N CYS A 29 26.77 -1.87 -14.10
CA CYS A 29 25.65 -1.85 -13.17
C CYS A 29 25.36 -0.40 -12.77
N CYS A 30 24.11 -0.13 -12.38
CA CYS A 30 23.68 1.20 -11.98
C CYS A 30 23.50 1.25 -10.46
N ARG A 31 23.63 2.44 -9.89
CA ARG A 31 23.48 2.63 -8.45
C ARG A 31 22.97 4.03 -8.14
N CYS A 32 21.90 4.14 -7.35
CA CYS A 32 21.36 5.45 -7.00
C CYS A 32 22.36 6.26 -6.19
N VAL A 33 22.40 7.56 -6.46
CA VAL A 33 23.33 8.45 -5.76
C VAL A 33 22.80 8.77 -4.35
N ALA A 34 23.65 9.37 -3.53
CA ALA A 34 23.30 9.72 -2.16
C ALA A 34 21.98 10.50 -2.07
N ASN A 35 21.18 10.14 -1.07
CA ASN A 35 19.89 10.78 -0.83
C ASN A 35 18.76 10.31 -1.76
N TYR A 36 19.01 9.21 -2.45
CA TYR A 36 18.01 8.60 -3.33
C TYR A 36 18.03 7.10 -3.03
N THR A 37 16.89 6.44 -3.20
CA THR A 37 16.83 5.00 -2.94
C THR A 37 16.30 4.28 -4.18
N GLY A 38 16.68 3.02 -4.35
CA GLY A 38 16.24 2.25 -5.51
C GLY A 38 17.33 1.27 -5.93
N ASN A 39 17.20 0.74 -7.14
CA ASN A 39 18.18 -0.24 -7.63
C ASN A 39 19.08 0.27 -8.76
N GLY A 40 19.20 1.59 -8.92
CA GLY A 40 20.06 2.11 -9.97
C GLY A 40 19.31 2.40 -11.27
N ARG A 41 18.47 1.46 -11.69
CA ARG A 41 17.68 1.64 -12.90
C ARG A 41 16.49 2.56 -12.60
N GLN A 42 16.05 2.52 -11.35
CA GLN A 42 14.92 3.33 -10.87
C GLN A 42 15.32 3.88 -9.51
N CYS A 43 15.17 5.20 -9.32
CA CYS A 43 15.53 5.85 -8.06
C CYS A 43 14.52 6.94 -7.68
N VAL A 44 14.27 7.11 -6.39
CA VAL A 44 13.37 8.15 -5.89
C VAL A 44 14.03 8.84 -4.70
N ALA A 45 13.75 10.13 -4.52
CA ALA A 45 14.33 10.91 -3.43
C ALA A 45 13.83 10.48 -2.07
N GLU A 46 14.73 10.45 -1.09
CA GLU A 46 14.37 10.05 0.26
C GLU A 46 13.34 11.03 0.84
N GLY A 47 12.40 10.50 1.64
CA GLY A 47 11.37 11.32 2.26
C GLY A 47 10.32 11.93 1.34
N SER A 48 10.31 11.51 0.08
CA SER A 48 9.37 12.07 -0.89
C SER A 48 8.08 11.27 -1.06
N PRO A 49 6.98 11.97 -1.43
CA PRO A 49 5.69 11.31 -1.64
C PRO A 49 5.80 10.61 -2.99
N GLN A 50 5.16 9.45 -3.14
CA GLN A 50 5.18 8.71 -4.41
C GLN A 50 3.79 8.17 -4.69
N ARG A 51 3.45 8.06 -5.97
CA ARG A 51 2.15 7.54 -6.37
C ARG A 51 2.29 6.33 -7.29
N VAL A 52 1.37 5.39 -7.16
CA VAL A 52 1.35 4.17 -7.97
C VAL A 52 0.00 4.11 -8.68
N ASN A 53 0.01 3.90 -10.00
CA ASN A 53 -1.21 3.84 -10.78
C ASN A 53 -1.26 2.63 -11.71
N GLY A 54 -2.47 2.13 -11.96
CA GLY A 54 -2.62 0.99 -12.84
C GLY A 54 -4.08 0.57 -13.00
N LYS A 55 -4.30 -0.47 -13.78
CA LYS A 55 -5.63 -0.99 -14.03
C LYS A 55 -5.86 -2.32 -13.33
N VAL A 56 -7.13 -2.63 -13.08
CA VAL A 56 -7.49 -3.88 -12.41
C VAL A 56 -8.62 -4.58 -13.17
N LYS A 57 -8.45 -5.87 -13.44
CA LYS A 57 -9.48 -6.64 -14.12
C LYS A 57 -9.70 -7.91 -13.31
N GLY A 58 -10.94 -8.36 -13.23
CA GLY A 58 -11.22 -9.57 -12.48
C GLY A 58 -12.37 -10.41 -13.02
N ARG A 59 -12.34 -11.68 -12.64
CA ARG A 59 -13.36 -12.66 -13.01
C ARG A 59 -13.48 -13.45 -11.70
N ILE A 60 -14.41 -13.03 -10.85
CA ILE A 60 -14.55 -13.65 -9.54
C ILE A 60 -15.92 -14.25 -9.19
N PHE A 61 -15.91 -15.53 -8.80
CA PHE A 61 -17.12 -16.21 -8.39
C PHE A 61 -17.30 -15.95 -6.89
N VAL A 62 -18.48 -15.47 -6.49
CA VAL A 62 -18.75 -15.19 -5.07
C VAL A 62 -19.59 -16.30 -4.44
N GLY A 63 -19.15 -16.77 -3.27
CA GLY A 63 -19.89 -17.82 -2.58
C GLY A 63 -20.06 -19.08 -3.42
N SER A 64 -21.30 -19.46 -3.69
CA SER A 64 -21.57 -20.66 -4.47
C SER A 64 -22.06 -20.35 -5.89
N SER A 65 -21.95 -19.09 -6.30
CA SER A 65 -22.41 -18.68 -7.61
C SER A 65 -21.66 -19.38 -8.74
N GLN A 66 -22.39 -19.76 -9.79
CA GLN A 66 -21.79 -20.42 -10.95
C GLN A 66 -21.51 -19.40 -12.06
N VAL A 67 -21.90 -18.16 -11.82
CA VAL A 67 -21.66 -17.08 -12.78
C VAL A 67 -20.75 -16.07 -12.07
N PRO A 68 -19.63 -15.73 -12.69
CA PRO A 68 -18.72 -14.78 -12.04
C PRO A 68 -19.02 -13.31 -12.27
N VAL A 69 -18.54 -12.46 -11.37
CA VAL A 69 -18.68 -11.03 -11.51
C VAL A 69 -17.43 -10.66 -12.32
N VAL A 70 -17.62 -9.91 -13.39
CA VAL A 70 -16.51 -9.53 -14.25
C VAL A 70 -16.35 -8.02 -14.35
N PHE A 71 -15.13 -7.54 -14.19
CA PHE A 71 -14.89 -6.11 -14.33
C PHE A 71 -13.52 -5.87 -14.96
N GLU A 72 -13.49 -4.90 -15.86
CA GLU A 72 -12.26 -4.55 -16.56
C GLU A 72 -12.13 -3.03 -16.58
N ASN A 73 -10.91 -2.55 -16.71
CA ASN A 73 -10.64 -1.12 -16.76
C ASN A 73 -10.90 -0.38 -15.43
N THR A 74 -10.87 -1.12 -14.33
CA THR A 74 -11.06 -0.52 -13.00
C THR A 74 -9.72 0.13 -12.63
N ASP A 75 -9.76 1.30 -12.01
CA ASP A 75 -8.54 2.02 -11.62
C ASP A 75 -8.01 1.70 -10.22
N LEU A 76 -6.69 1.72 -10.09
CA LEU A 76 -6.03 1.51 -8.80
C LEU A 76 -5.09 2.71 -8.61
N HIS A 77 -5.22 3.39 -7.48
CA HIS A 77 -4.37 4.54 -7.16
C HIS A 77 -3.84 4.35 -5.74
N SER A 78 -2.53 4.45 -5.57
CA SER A 78 -1.94 4.27 -4.25
C SER A 78 -0.98 5.42 -3.92
N TYR A 79 -0.94 5.82 -2.65
CA TYR A 79 -0.10 6.93 -2.18
C TYR A 79 0.76 6.50 -0.98
N VAL A 80 2.02 6.93 -0.97
CA VAL A 80 2.95 6.64 0.12
C VAL A 80 4.02 7.72 0.21
N VAL A 81 4.61 7.88 1.39
CA VAL A 81 5.68 8.85 1.58
C VAL A 81 6.90 8.05 2.02
N MET A 82 7.99 8.15 1.28
CA MET A 82 9.20 7.40 1.61
C MET A 82 9.58 7.59 3.08
N ASN A 83 9.89 6.46 3.73
CA ASN A 83 10.30 6.43 5.13
C ASN A 83 9.18 6.59 6.16
N HIS A 84 7.93 6.73 5.72
CA HIS A 84 6.83 6.84 6.66
C HIS A 84 6.25 5.45 6.95
N GLY A 85 6.29 4.59 5.95
CA GLY A 85 5.81 3.23 6.11
C GLY A 85 4.32 2.95 5.95
N ARG A 86 3.52 3.95 5.60
CA ARG A 86 2.09 3.72 5.45
C ARG A 86 1.62 3.82 3.99
N SER A 87 0.97 2.76 3.51
CA SER A 87 0.47 2.76 2.14
C SER A 87 -1.05 2.86 2.12
N TYR A 88 -1.56 3.76 1.30
CA TYR A 88 -3.01 3.98 1.16
C TYR A 88 -3.41 3.62 -0.26
N THR A 89 -4.32 2.67 -0.41
CA THR A 89 -4.74 2.25 -1.74
C THR A 89 -6.25 2.39 -1.98
N ALA A 90 -6.61 2.87 -3.17
CA ALA A 90 -8.01 3.06 -3.57
C ALA A 90 -8.24 2.34 -4.89
N ILE A 91 -9.33 1.58 -4.96
CA ILE A 91 -9.67 0.85 -6.17
C ILE A 91 -11.13 1.19 -6.48
N SER A 92 -11.38 1.92 -7.56
CA SER A 92 -12.75 2.28 -7.83
C SER A 92 -13.36 1.93 -9.15
N THR A 93 -14.64 1.62 -9.03
CA THR A 93 -15.56 1.16 -10.05
C THR A 93 -15.46 -0.31 -9.73
N ILE A 94 -15.81 -0.62 -8.49
CA ILE A 94 -15.86 -1.99 -7.98
C ILE A 94 -17.33 -2.21 -7.65
N PRO A 95 -17.97 -3.18 -8.33
CA PRO A 95 -19.39 -3.54 -8.16
C PRO A 95 -19.74 -3.95 -6.74
N GLU A 96 -20.94 -3.56 -6.29
CA GLU A 96 -21.42 -3.90 -4.96
C GLU A 96 -21.54 -5.41 -4.81
N THR A 97 -21.66 -6.09 -5.94
CA THR A 97 -21.80 -7.54 -5.96
C THR A 97 -20.52 -8.26 -5.52
N VAL A 98 -19.40 -7.54 -5.46
CA VAL A 98 -18.15 -8.16 -5.07
C VAL A 98 -17.37 -7.32 -4.05
N GLY A 99 -17.73 -6.05 -3.96
CA GLY A 99 -17.07 -5.14 -3.04
C GLY A 99 -16.89 -5.60 -1.61
N TYR A 100 -17.96 -6.05 -0.98
CA TYR A 100 -17.86 -6.50 0.41
C TYR A 100 -17.07 -7.80 0.54
N SER A 101 -17.19 -8.69 -0.44
CA SER A 101 -16.46 -9.96 -0.38
C SER A 101 -14.96 -9.86 -0.61
N LEU A 102 -14.49 -8.69 -1.09
CA LEU A 102 -13.06 -8.49 -1.32
C LEU A 102 -12.40 -7.81 -0.12
N LEU A 103 -13.21 -7.42 0.86
CA LEU A 103 -12.70 -6.72 2.04
C LEU A 103 -11.53 -7.39 2.77
N PRO A 104 -11.53 -8.72 2.89
CA PRO A 104 -10.42 -9.37 3.60
C PRO A 104 -9.09 -9.37 2.82
N LEU A 105 -9.15 -9.07 1.53
CA LEU A 105 -7.97 -9.10 0.67
C LEU A 105 -7.04 -7.87 0.68
N ALA A 106 -6.73 -7.39 1.87
CA ALA A 106 -5.84 -6.23 2.01
C ALA A 106 -4.49 -6.41 1.28
N PRO A 107 -3.99 -7.66 1.19
CA PRO A 107 -2.71 -7.90 0.49
C PRO A 107 -2.69 -7.44 -0.96
N ILE A 108 -3.86 -7.12 -1.51
CA ILE A 108 -3.91 -6.62 -2.89
C ILE A 108 -3.13 -5.30 -2.88
N GLY A 109 -3.34 -4.51 -1.84
CA GLY A 109 -2.63 -3.25 -1.71
C GLY A 109 -1.40 -3.43 -0.84
N GLY A 110 -1.42 -4.46 -0.01
CA GLY A 110 -0.31 -4.75 0.88
C GLY A 110 1.07 -4.92 0.22
N ILE A 111 1.10 -5.32 -1.04
CA ILE A 111 2.39 -5.48 -1.73
C ILE A 111 3.07 -4.12 -1.85
N ILE A 112 2.27 -3.05 -1.92
CA ILE A 112 2.83 -1.71 -2.02
C ILE A 112 3.44 -1.31 -0.68
N GLY A 113 2.89 -1.84 0.41
CA GLY A 113 3.43 -1.56 1.73
C GLY A 113 4.78 -2.26 1.85
N TRP A 114 4.88 -3.44 1.26
CA TRP A 114 6.13 -4.21 1.28
C TRP A 114 7.19 -3.44 0.50
N MET A 115 6.79 -2.87 -0.64
CA MET A 115 7.71 -2.11 -1.48
C MET A 115 8.32 -0.91 -0.77
N PHE A 116 7.53 -0.20 0.04
CA PHE A 116 8.01 0.99 0.72
C PHE A 116 8.07 0.96 2.25
N ALA A 117 8.21 -0.22 2.83
CA ALA A 117 8.28 -0.35 4.29
C ALA A 117 9.45 0.44 4.86
N VAL A 118 9.33 0.86 6.13
CA VAL A 118 10.42 1.60 6.77
C VAL A 118 11.59 0.62 6.93
N GLU A 119 12.74 1.01 6.39
CA GLU A 119 13.93 0.17 6.45
C GLU A 119 14.66 0.29 7.79
N GLN A 120 14.90 -0.86 8.44
CA GLN A 120 15.57 -0.89 9.74
C GLN A 120 16.91 -1.62 9.70
N ASP A 121 17.89 -1.07 10.39
CA ASP A 121 19.23 -1.65 10.44
C ASP A 121 19.80 -1.87 9.04
N GLY A 122 20.21 -3.09 8.76
CA GLY A 122 20.76 -3.39 7.43
C GLY A 122 19.80 -4.17 6.57
N PHE A 123 18.56 -3.68 6.43
CA PHE A 123 17.55 -4.36 5.63
C PHE A 123 16.92 -3.44 4.60
N LYS A 124 16.61 -3.98 3.41
CA LYS A 124 16.03 -3.20 2.33
C LYS A 124 14.56 -3.54 2.05
N ASN A 125 13.77 -2.52 1.69
CA ASN A 125 12.35 -2.76 1.38
C ASN A 125 12.23 -3.21 -0.07
N GLY A 126 11.01 -3.50 -0.51
CA GLY A 126 10.80 -3.97 -1.87
C GLY A 126 11.33 -3.10 -3.00
N PHE A 127 11.20 -1.78 -2.86
CA PHE A 127 11.66 -0.87 -3.90
C PHE A 127 13.18 -0.86 -4.01
N SER A 128 13.87 -0.88 -2.86
CA SER A 128 15.32 -0.89 -2.88
C SER A 128 15.83 -2.14 -3.60
N ILE A 129 15.18 -3.27 -3.38
CA ILE A 129 15.59 -4.53 -4.01
C ILE A 129 15.23 -4.66 -5.50
N THR A 130 14.01 -4.28 -5.87
CA THR A 130 13.54 -4.42 -7.26
C THR A 130 13.43 -3.18 -8.13
N GLY A 131 13.45 -2.00 -7.52
CA GLY A 131 13.30 -0.79 -8.30
C GLY A 131 11.89 -0.68 -8.87
N GLY A 132 10.96 -1.43 -8.29
CA GLY A 132 9.58 -1.38 -8.78
C GLY A 132 9.40 -2.09 -10.11
N GLU A 133 10.33 -2.97 -10.46
CA GLU A 133 10.25 -3.74 -11.70
C GLU A 133 10.23 -5.20 -11.27
N PHE A 134 9.05 -5.80 -11.19
CA PHE A 134 8.95 -7.20 -10.78
C PHE A 134 7.57 -7.79 -11.07
N THR A 135 7.48 -9.11 -10.95
CA THR A 135 6.21 -9.82 -11.15
C THR A 135 5.84 -10.49 -9.84
N ARG A 136 4.57 -10.41 -9.48
CA ARG A 136 4.06 -11.02 -8.26
C ARG A 136 2.98 -12.03 -8.59
N GLN A 137 3.21 -13.29 -8.23
CA GLN A 137 2.22 -14.34 -8.44
C GLN A 137 1.73 -14.71 -7.04
N ALA A 138 0.44 -14.55 -6.78
CA ALA A 138 -0.08 -14.89 -5.46
C ALA A 138 -1.35 -15.74 -5.51
N GLU A 139 -1.56 -16.52 -4.44
CA GLU A 139 -2.75 -17.36 -4.33
C GLU A 139 -3.25 -17.29 -2.90
N VAL A 140 -4.57 -17.34 -2.73
CA VAL A 140 -5.14 -17.33 -1.38
C VAL A 140 -6.22 -18.39 -1.27
N THR A 141 -6.10 -19.21 -0.23
CA THR A 141 -7.07 -20.27 0.03
C THR A 141 -7.81 -19.90 1.30
N PHE A 142 -9.14 -19.90 1.26
CA PHE A 142 -9.94 -19.62 2.44
C PHE A 142 -10.29 -20.98 3.01
N LEU A 143 -9.72 -21.30 4.17
CA LEU A 143 -9.93 -22.59 4.80
C LEU A 143 -11.39 -22.94 5.04
N GLY A 144 -11.81 -24.09 4.52
CA GLY A 144 -13.19 -24.54 4.69
C GLY A 144 -14.09 -24.16 3.52
N HIS A 145 -13.55 -23.44 2.56
CA HIS A 145 -14.33 -23.02 1.39
C HIS A 145 -13.72 -23.54 0.08
N PRO A 146 -14.56 -23.79 -0.95
CA PRO A 146 -14.16 -24.30 -2.25
C PRO A 146 -13.26 -23.41 -3.12
N GLY A 147 -12.34 -24.04 -3.84
CA GLY A 147 -11.45 -23.32 -4.74
C GLY A 147 -10.43 -22.39 -4.11
N LYS A 148 -10.06 -21.36 -4.86
CA LYS A 148 -9.08 -20.38 -4.39
C LYS A 148 -9.08 -19.16 -5.31
N LEU A 149 -8.40 -18.11 -4.87
CA LEU A 149 -8.31 -16.91 -5.70
C LEU A 149 -6.86 -16.75 -6.15
N VAL A 150 -6.68 -16.49 -7.44
CA VAL A 150 -5.35 -16.30 -8.01
C VAL A 150 -5.14 -14.85 -8.40
N LEU A 151 -3.98 -14.30 -8.01
CA LEU A 151 -3.64 -12.92 -8.30
C LEU A 151 -2.33 -12.81 -9.06
N LYS A 152 -2.29 -11.95 -10.08
CA LYS A 152 -1.06 -11.72 -10.84
C LYS A 152 -0.90 -10.21 -11.00
N GLN A 153 0.26 -9.70 -10.59
CA GLN A 153 0.54 -8.27 -10.69
C GLN A 153 1.90 -8.02 -11.33
N GLN A 154 1.94 -7.10 -12.27
CA GLN A 154 3.17 -6.74 -12.96
C GLN A 154 3.51 -5.28 -12.68
N PHE A 155 4.74 -5.04 -12.24
CA PHE A 155 5.23 -3.70 -11.93
C PHE A 155 6.28 -3.35 -12.97
N SER A 156 6.12 -2.19 -13.62
CA SER A 156 7.03 -1.79 -14.69
C SER A 156 7.86 -0.54 -14.47
N GLY A 157 8.24 -0.27 -13.23
CA GLY A 157 9.05 0.90 -12.92
C GLY A 157 8.32 2.22 -12.99
N ILE A 158 9.11 3.30 -13.05
CA ILE A 158 8.57 4.65 -13.12
C ILE A 158 8.36 5.04 -14.57
N ASP A 159 7.14 5.42 -14.94
CA ASP A 159 6.86 5.78 -16.32
C ASP A 159 7.23 7.22 -16.68
N GLU A 160 6.93 7.59 -17.91
CA GLU A 160 7.22 8.92 -18.45
C GLU A 160 6.61 10.09 -17.67
N HIS A 161 5.62 9.80 -16.82
CA HIS A 161 4.96 10.83 -16.03
C HIS A 161 5.50 10.91 -14.59
N GLY A 162 6.31 9.92 -14.21
CA GLY A 162 6.86 9.90 -12.88
C GLY A 162 6.01 9.02 -11.96
N HIS A 163 5.08 8.28 -12.56
CA HIS A 163 4.19 7.39 -11.81
C HIS A 163 4.83 6.00 -11.69
N LEU A 164 4.69 5.36 -10.52
CA LEU A 164 5.17 3.99 -10.40
C LEU A 164 4.03 3.24 -11.09
N THR A 165 4.29 2.06 -11.63
CA THR A 165 3.25 1.33 -12.36
C THR A 165 2.87 -0.04 -11.79
N ILE A 166 1.60 -0.41 -11.93
CA ILE A 166 1.12 -1.70 -11.44
C ILE A 166 -0.15 -2.16 -12.17
N SER A 167 -0.06 -3.34 -12.76
CA SER A 167 -1.18 -3.95 -13.49
C SER A 167 -1.68 -5.14 -12.65
N THR A 168 -2.98 -5.21 -12.38
CA THR A 168 -3.54 -6.28 -11.56
C THR A 168 -4.57 -7.16 -12.26
N GLU A 169 -4.47 -8.47 -12.03
CA GLU A 169 -5.41 -9.44 -12.61
C GLU A 169 -5.84 -10.42 -11.50
N LEU A 170 -7.14 -10.57 -11.30
CA LEU A 170 -7.68 -11.46 -10.26
C LEU A 170 -8.65 -12.48 -10.86
N GLU A 171 -8.51 -13.75 -10.46
CA GLU A 171 -9.39 -14.79 -10.97
C GLU A 171 -9.58 -15.96 -10.00
N GLY A 172 -10.83 -16.33 -9.76
CA GLY A 172 -11.08 -17.43 -8.85
C GLY A 172 -12.37 -17.30 -8.07
N ARG A 173 -12.42 -17.93 -6.90
CA ARG A 173 -13.60 -17.90 -6.05
C ARG A 173 -13.29 -17.44 -4.64
N VAL A 174 -14.19 -16.61 -4.09
CA VAL A 174 -14.04 -16.12 -2.71
C VAL A 174 -15.37 -16.33 -1.98
N PRO A 175 -15.32 -16.51 -0.65
CA PRO A 175 -16.54 -16.71 0.14
C PRO A 175 -17.39 -15.43 0.12
N GLN A 176 -18.68 -15.57 0.31
CA GLN A 176 -19.57 -14.40 0.30
C GLN A 176 -19.63 -13.70 1.64
N ILE A 177 -19.51 -12.38 1.60
CA ILE A 177 -19.59 -11.55 2.79
C ILE A 177 -20.89 -10.77 2.65
N PRO A 178 -21.73 -10.75 3.71
CA PRO A 178 -23.02 -10.04 3.68
C PRO A 178 -22.92 -8.58 3.28
N TYR A 179 -23.89 -8.11 2.49
CA TYR A 179 -23.92 -6.72 2.07
C TYR A 179 -23.96 -5.83 3.31
N GLY A 180 -23.10 -4.82 3.34
CA GLY A 180 -23.08 -3.90 4.47
C GLY A 180 -22.24 -4.32 5.66
N ALA A 181 -21.64 -5.49 5.59
CA ALA A 181 -20.80 -5.97 6.69
C ALA A 181 -19.43 -5.28 6.62
N SER A 182 -18.67 -5.38 7.71
CA SER A 182 -17.34 -4.80 7.76
C SER A 182 -16.33 -5.89 8.16
N VAL A 183 -15.04 -5.62 7.98
CA VAL A 183 -14.00 -6.59 8.30
C VAL A 183 -12.84 -5.99 9.10
N HIS A 184 -12.29 -6.77 10.03
CA HIS A 184 -11.17 -6.31 10.85
C HIS A 184 -9.97 -7.27 10.82
N ILE A 185 -8.79 -6.69 10.66
CA ILE A 185 -7.54 -7.45 10.61
C ILE A 185 -6.57 -6.91 11.68
N GLU A 186 -6.08 -7.81 12.52
CA GLU A 186 -5.14 -7.47 13.60
C GLU A 186 -3.70 -7.43 13.08
N PRO A 187 -2.79 -6.78 13.82
CA PRO A 187 -1.38 -6.71 13.42
C PRO A 187 -0.79 -8.09 13.22
N TYR A 188 0.20 -8.20 12.32
CA TYR A 188 0.84 -9.49 12.04
C TYR A 188 2.24 -9.31 11.44
N THR A 189 2.98 -10.41 11.36
CA THR A 189 4.32 -10.39 10.79
C THR A 189 4.36 -11.45 9.69
N GLU A 190 5.21 -11.23 8.69
CA GLU A 190 5.36 -12.15 7.56
C GLU A 190 6.83 -12.33 7.26
N LEU A 191 7.23 -13.54 6.88
CA LEU A 191 8.63 -13.80 6.55
C LEU A 191 8.81 -13.90 5.04
N TYR A 192 9.76 -13.14 4.52
CA TYR A 192 10.06 -13.12 3.09
C TYR A 192 11.43 -13.75 2.87
N HIS A 193 11.44 -14.89 2.18
CA HIS A 193 12.67 -15.64 1.90
C HIS A 193 13.26 -15.30 0.53
N TYR A 194 14.55 -14.97 0.51
CA TYR A 194 15.25 -14.60 -0.72
C TYR A 194 16.23 -15.67 -1.18
N SER A 195 16.30 -15.89 -2.50
CA SER A 195 17.20 -16.86 -3.10
C SER A 195 17.30 -16.67 -4.63
N SER A 196 18.48 -16.30 -5.10
CA SER A 196 18.75 -16.08 -6.51
C SER A 196 17.66 -15.35 -7.30
N SER A 197 17.39 -14.12 -6.89
CA SER A 197 16.40 -13.25 -7.54
C SER A 197 14.96 -13.72 -7.43
N VAL A 198 14.66 -14.50 -6.39
CA VAL A 198 13.29 -14.96 -6.16
C VAL A 198 12.95 -14.80 -4.68
N ILE A 199 11.82 -14.16 -4.40
CA ILE A 199 11.38 -13.95 -3.03
C ILE A 199 10.01 -14.61 -2.83
N THR A 200 9.91 -15.48 -1.82
CA THR A 200 8.69 -16.21 -1.52
C THR A 200 8.23 -16.01 -0.07
N SER A 201 6.93 -16.23 0.17
CA SER A 201 6.37 -16.12 1.51
C SER A 201 5.03 -16.85 1.57
N SER A 202 4.75 -17.43 2.73
CA SER A 202 3.49 -18.13 2.95
C SER A 202 3.05 -17.75 4.35
N SER A 203 1.77 -17.44 4.52
CA SER A 203 1.25 -17.02 5.81
C SER A 203 -0.21 -17.40 6.00
N THR A 204 -0.51 -17.95 7.17
CA THR A 204 -1.87 -18.34 7.51
C THR A 204 -2.34 -17.37 8.60
N ARG A 205 -3.39 -16.60 8.31
CA ARG A 205 -3.90 -15.62 9.25
C ARG A 205 -5.41 -15.67 9.39
N GLU A 206 -5.94 -14.95 10.39
CA GLU A 206 -7.38 -14.91 10.58
C GLU A 206 -7.87 -13.48 10.44
N TYR A 207 -9.16 -13.33 10.16
CA TYR A 207 -9.77 -12.02 10.02
C TYR A 207 -11.18 -12.12 10.60
N THR A 208 -11.71 -10.99 11.06
CA THR A 208 -13.02 -10.98 11.67
C THR A 208 -14.06 -10.26 10.83
N VAL A 209 -15.26 -10.86 10.73
CA VAL A 209 -16.36 -10.27 9.98
C VAL A 209 -17.44 -9.77 10.94
N MET A 210 -17.71 -8.47 10.88
CA MET A 210 -18.75 -7.86 11.71
C MET A 210 -20.01 -7.70 10.87
N GLU A 211 -21.14 -8.20 11.39
CA GLU A 211 -22.42 -8.15 10.68
C GLU A 211 -22.93 -6.73 10.44
N PRO A 212 -23.78 -6.54 9.42
CA PRO A 212 -24.36 -5.24 9.04
C PRO A 212 -24.80 -4.40 10.23
N ASP A 213 -24.33 -3.15 10.26
CA ASP A 213 -24.66 -2.23 11.35
C ASP A 213 -26.11 -1.79 11.32
N GLN A 214 -26.99 -2.66 11.82
CA GLN A 214 -28.42 -2.38 11.88
C GLN A 214 -28.98 -3.02 13.15
N ASP A 215 -30.17 -2.59 13.55
CA ASP A 215 -30.79 -3.13 14.75
C ASP A 215 -30.83 -4.66 14.74
N GLY A 216 -30.29 -5.27 15.79
CA GLY A 216 -30.27 -6.71 15.89
C GLY A 216 -29.04 -7.38 15.28
N ALA A 217 -28.02 -6.59 14.96
CA ALA A 217 -26.79 -7.14 14.39
C ALA A 217 -26.30 -8.33 15.20
N ALA A 218 -26.11 -9.47 14.54
CA ALA A 218 -25.66 -10.69 15.21
C ALA A 218 -24.18 -10.64 15.57
N PRO A 219 -23.74 -11.53 16.47
CA PRO A 219 -22.34 -11.59 16.91
C PRO A 219 -21.34 -11.77 15.75
N SER A 220 -20.15 -11.22 15.91
CA SER A 220 -19.11 -11.30 14.88
C SER A 220 -18.54 -12.72 14.78
N HIS A 221 -17.85 -13.00 13.68
CA HIS A 221 -17.27 -14.32 13.47
C HIS A 221 -15.93 -14.25 12.72
N THR A 222 -15.02 -15.14 13.09
CA THR A 222 -13.69 -15.18 12.51
C THR A 222 -13.52 -16.26 11.46
N HIS A 223 -12.58 -16.04 10.54
CA HIS A 223 -12.31 -16.98 9.47
C HIS A 223 -10.82 -16.96 9.20
N ILE A 224 -10.30 -18.02 8.58
CA ILE A 224 -8.87 -18.14 8.31
C ILE A 224 -8.54 -18.31 6.83
N TYR A 225 -7.44 -17.72 6.40
CA TYR A 225 -7.00 -17.90 5.01
C TYR A 225 -5.48 -17.97 4.94
N GLN A 226 -4.98 -18.63 3.89
CA GLN A 226 -3.54 -18.77 3.71
C GLN A 226 -3.07 -18.05 2.46
N TRP A 227 -2.11 -17.15 2.63
CA TRP A 227 -1.54 -16.41 1.52
C TRP A 227 -0.21 -17.03 1.08
N ARG A 228 -0.06 -17.20 -0.22
CA ARG A 228 1.16 -17.79 -0.79
C ARG A 228 1.60 -16.90 -1.96
N GLN A 229 2.85 -16.46 -1.98
CA GLN A 229 3.29 -15.60 -3.08
C GLN A 229 4.74 -15.77 -3.54
N THR A 230 4.96 -15.52 -4.82
CA THR A 230 6.29 -15.62 -5.42
C THR A 230 6.56 -14.31 -6.17
N ILE A 231 7.64 -13.66 -5.77
CA ILE A 231 8.04 -12.38 -6.34
C ILE A 231 9.33 -12.54 -7.15
N THR A 232 9.26 -12.28 -8.45
CA THR A 232 10.42 -12.41 -9.34
C THR A 232 10.89 -11.08 -9.93
N PHE A 233 12.21 -10.95 -10.09
CA PHE A 233 12.79 -9.71 -10.60
C PHE A 233 14.21 -9.94 -11.11
N GLN A 234 14.82 -8.89 -11.65
CA GLN A 234 16.19 -8.96 -12.17
C GLN A 234 17.16 -8.16 -11.32
N GLU A 235 18.37 -8.70 -11.14
CA GLU A 235 19.42 -8.02 -10.37
C GLU A 235 20.65 -7.97 -11.27
N CYS A 236 21.42 -6.88 -11.18
CA CYS A 236 22.61 -6.76 -12.03
C CYS A 236 23.56 -7.92 -11.74
N ALA A 237 23.89 -8.67 -12.80
CA ALA A 237 24.76 -9.82 -12.68
C ALA A 237 26.25 -9.51 -12.69
N HIS A 238 26.60 -8.25 -12.47
CA HIS A 238 28.00 -7.85 -12.44
C HIS A 238 28.28 -7.31 -11.05
N ASP A 239 29.39 -6.62 -10.88
CA ASP A 239 29.75 -6.07 -9.57
C ASP A 239 29.95 -7.23 -8.61
N ASP A 240 31.01 -8.00 -8.85
CA ASP A 240 31.33 -9.15 -8.02
C ASP A 240 31.36 -8.78 -6.54
N ALA A 241 31.99 -7.65 -6.23
CA ALA A 241 32.08 -7.17 -4.85
C ALA A 241 30.75 -6.55 -4.45
N ARG A 242 29.71 -7.37 -4.41
CA ARG A 242 28.37 -6.93 -4.06
C ARG A 242 27.84 -7.80 -2.92
N PRO A 243 27.57 -7.18 -1.76
CA PRO A 243 27.05 -7.87 -0.57
C PRO A 243 25.74 -8.58 -0.85
N ALA A 244 25.64 -9.84 -0.43
CA ALA A 244 24.43 -10.62 -0.65
C ALA A 244 23.28 -10.16 0.23
N LEU A 245 22.07 -10.22 -0.30
CA LEU A 245 20.87 -9.84 0.46
C LEU A 245 20.60 -10.90 1.54
N PRO A 246 19.93 -10.50 2.63
CA PRO A 246 19.63 -11.46 3.70
C PRO A 246 18.79 -12.60 3.14
N SER A 247 19.01 -13.81 3.65
CA SER A 247 18.24 -14.95 3.17
C SER A 247 16.79 -14.89 3.67
N THR A 248 16.57 -14.17 4.77
CA THR A 248 15.24 -14.02 5.33
C THR A 248 15.06 -12.64 5.97
N GLN A 249 13.96 -11.97 5.64
CA GLN A 249 13.66 -10.66 6.21
C GLN A 249 12.24 -10.69 6.78
N GLN A 250 12.00 -9.95 7.85
CA GLN A 250 10.68 -9.95 8.47
C GLN A 250 9.91 -8.66 8.26
N LEU A 251 8.69 -8.78 7.75
CA LEU A 251 7.84 -7.62 7.54
C LEU A 251 6.85 -7.54 8.70
N SER A 252 6.85 -6.41 9.39
CA SER A 252 5.94 -6.20 10.52
C SER A 252 4.82 -5.26 10.05
N VAL A 253 3.58 -5.73 10.15
CA VAL A 253 2.41 -4.97 9.70
C VAL A 253 1.45 -4.61 10.82
N ASP A 254 0.93 -3.39 10.78
CA ASP A 254 -0.03 -2.94 11.79
C ASP A 254 -0.91 -1.81 11.27
N SER A 255 -1.87 -1.39 12.09
CA SER A 255 -2.79 -0.32 11.75
C SER A 255 -3.50 -0.59 10.42
N VAL A 256 -3.98 -1.83 10.26
CA VAL A 256 -4.67 -2.22 9.04
C VAL A 256 -6.14 -1.78 9.03
N PHE A 257 -6.56 -1.20 7.92
CA PHE A 257 -7.94 -0.73 7.75
C PHE A 257 -8.43 -1.13 6.36
N VAL A 258 -9.66 -1.64 6.27
CA VAL A 258 -10.23 -2.01 4.98
C VAL A 258 -11.64 -1.44 4.96
N LEU A 259 -12.08 -0.97 3.79
CA LEU A 259 -13.41 -0.39 3.68
C LEU A 259 -13.97 -0.39 2.27
N TYR A 260 -15.27 -0.63 2.14
CA TYR A 260 -15.91 -0.59 0.83
C TYR A 260 -17.10 0.35 0.94
N ASN A 261 -17.14 1.35 0.07
CA ASN A 261 -18.24 2.30 0.06
C ASN A 261 -19.11 2.09 -1.17
N LYS A 262 -20.35 1.71 -0.93
CA LYS A 262 -21.32 1.44 -1.99
C LYS A 262 -21.66 2.69 -2.81
N GLU A 263 -21.76 3.84 -2.15
CA GLU A 263 -22.11 5.09 -2.82
C GLU A 263 -21.12 5.48 -3.93
N GLU A 264 -19.83 5.44 -3.63
CA GLU A 264 -18.83 5.79 -4.62
C GLU A 264 -18.23 4.54 -5.26
N ARG A 265 -18.71 3.38 -4.83
CA ARG A 265 -18.23 2.10 -5.35
C ARG A 265 -16.71 2.05 -5.32
N ILE A 266 -16.15 2.31 -4.14
CA ILE A 266 -14.71 2.32 -4.00
C ILE A 266 -14.23 1.41 -2.87
N LEU A 267 -13.18 0.67 -3.15
CA LEU A 267 -12.59 -0.25 -2.19
C LEU A 267 -11.30 0.41 -1.68
N ARG A 268 -11.14 0.47 -0.37
CA ARG A 268 -9.96 1.11 0.24
C ARG A 268 -9.19 0.19 1.20
N TYR A 269 -7.86 0.22 1.08
CA TYR A 269 -6.96 -0.58 1.93
C TYR A 269 -5.85 0.33 2.47
N ALA A 270 -5.55 0.22 3.77
CA ALA A 270 -4.48 1.02 4.35
C ALA A 270 -3.72 0.21 5.39
N LEU A 271 -2.39 0.30 5.38
CA LEU A 271 -1.57 -0.39 6.35
C LEU A 271 -0.18 0.20 6.56
N SER A 272 0.38 -0.05 7.74
CA SER A 272 1.71 0.44 8.11
C SER A 272 2.73 -0.70 8.07
N ASN A 273 3.91 -0.42 7.55
CA ASN A 273 4.94 -1.45 7.38
C ASN A 273 6.38 -1.09 7.77
N SER A 274 7.06 -2.07 8.35
CA SER A 274 8.48 -1.96 8.75
C SER A 274 9.17 -3.25 8.30
N ILE A 275 10.39 -3.14 7.78
CA ILE A 275 11.12 -4.33 7.33
C ILE A 275 12.45 -4.43 8.09
N GLY A 276 12.74 -5.62 8.62
CA GLY A 276 13.97 -5.82 9.36
C GLY A 276 14.30 -7.26 9.68
N PRO A 277 15.16 -7.51 10.68
CA PRO A 277 15.56 -8.86 11.08
C PRO A 277 14.44 -9.69 11.74
N VAL A 278 14.59 -11.01 11.68
CA VAL A 278 13.62 -11.91 12.29
C VAL A 278 13.75 -11.83 13.82
N ARG A 279 12.66 -11.49 14.49
CA ARG A 279 12.66 -11.38 15.94
C ARG A 279 11.66 -12.36 16.54
N PRO B 9 -8.65 18.68 -11.49
CA PRO B 9 -8.88 17.23 -11.40
C PRO B 9 -9.28 16.77 -9.98
N ILE B 10 -8.88 17.51 -8.96
CA ILE B 10 -9.24 17.14 -7.59
C ILE B 10 -9.19 18.34 -6.65
N MET B 11 -10.17 18.42 -5.75
CA MET B 11 -10.26 19.52 -4.79
C MET B 11 -10.51 19.04 -3.36
N VAL B 12 -9.61 19.42 -2.47
CA VAL B 12 -9.69 19.03 -1.06
C VAL B 12 -10.40 20.05 -0.18
N THR B 13 -11.09 19.56 0.84
CA THR B 13 -11.78 20.40 1.80
C THR B 13 -11.58 19.88 3.22
N VAL B 14 -11.01 20.70 4.10
CA VAL B 14 -10.83 20.29 5.48
C VAL B 14 -12.12 20.73 6.18
N GLU B 15 -12.87 19.77 6.71
CA GLU B 15 -14.13 20.08 7.36
C GLU B 15 -14.00 21.00 8.56
N GLU B 16 -15.08 21.72 8.84
CA GLU B 16 -15.06 22.68 9.93
C GLU B 16 -14.50 22.23 11.25
N GLN B 17 -13.77 23.16 11.85
CA GLN B 17 -13.05 23.00 13.10
C GLN B 17 -11.65 22.67 12.62
N ARG B 18 -11.19 23.50 11.68
CA ARG B 18 -9.87 23.37 11.09
C ARG B 18 -8.81 23.74 12.11
N SER B 19 -9.19 24.57 13.09
CA SER B 19 -8.27 24.98 14.14
C SER B 19 -8.87 24.61 15.49
N GLN B 20 -8.19 23.74 16.22
CA GLN B 20 -8.68 23.31 17.52
C GLN B 20 -7.63 23.44 18.63
N SER B 21 -8.11 23.61 19.85
CA SER B 21 -7.24 23.75 21.02
C SER B 21 -7.71 22.79 22.10
N VAL B 22 -6.82 21.93 22.56
CA VAL B 22 -7.16 20.96 23.59
C VAL B 22 -6.07 20.87 24.66
N ARG B 23 -6.39 20.20 25.76
CA ARG B 23 -5.44 20.04 26.85
C ARG B 23 -4.73 18.70 26.70
N PRO B 24 -3.51 18.59 27.25
CA PRO B 24 -2.74 17.35 27.17
C PRO B 24 -3.54 16.14 27.65
N GLY B 25 -3.49 15.06 26.89
CA GLY B 25 -4.23 13.86 27.27
C GLY B 25 -5.53 13.64 26.51
N ALA B 26 -6.04 14.69 25.87
CA ALA B 26 -7.28 14.57 25.12
C ALA B 26 -7.09 13.92 23.75
N ASP B 27 -8.20 13.60 23.10
CA ASP B 27 -8.17 13.02 21.77
C ASP B 27 -8.72 14.13 20.85
N VAL B 28 -8.17 14.26 19.66
CA VAL B 28 -8.64 15.28 18.72
C VAL B 28 -8.86 14.63 17.36
N THR B 29 -9.86 15.10 16.63
CA THR B 29 -10.17 14.56 15.30
C THR B 29 -10.32 15.65 14.26
N PHE B 30 -9.71 15.43 13.09
CA PHE B 30 -9.79 16.37 11.96
C PHE B 30 -10.30 15.57 10.76
N ILE B 31 -11.18 16.18 9.97
CA ILE B 31 -11.76 15.49 8.82
C ILE B 31 -11.45 16.15 7.48
N CYS B 32 -11.12 15.31 6.49
CA CYS B 32 -10.80 15.77 5.15
C CYS B 32 -11.68 15.05 4.12
N THR B 33 -12.11 15.77 3.08
CA THR B 33 -12.90 15.19 2.00
C THR B 33 -12.42 15.78 0.69
N ALA B 34 -12.88 15.25 -0.43
CA ALA B 34 -12.45 15.77 -1.71
C ALA B 34 -13.42 15.44 -2.84
N LYS B 35 -13.36 16.26 -3.88
CA LYS B 35 -14.16 16.08 -5.08
C LYS B 35 -13.11 15.74 -6.13
N SER B 36 -13.29 14.60 -6.78
CA SER B 36 -12.34 14.12 -7.78
C SER B 36 -12.99 13.81 -9.11
N LYS B 37 -12.30 14.13 -10.19
CA LYS B 37 -12.84 13.85 -11.52
C LYS B 37 -12.50 12.41 -11.92
N SER B 38 -11.67 11.76 -11.10
CA SER B 38 -11.31 10.36 -11.33
C SER B 38 -11.91 9.50 -10.21
N PRO B 39 -12.35 8.27 -10.54
CA PRO B 39 -12.95 7.34 -9.58
C PRO B 39 -12.08 6.99 -8.38
N ALA B 40 -10.82 6.67 -8.63
CA ALA B 40 -9.90 6.30 -7.56
C ALA B 40 -9.04 7.46 -7.10
N TYR B 41 -9.19 7.84 -5.84
CA TYR B 41 -8.42 8.94 -5.25
C TYR B 41 -8.16 8.63 -3.79
N THR B 42 -7.07 9.19 -3.25
CA THR B 42 -6.72 8.96 -1.84
C THR B 42 -6.58 10.26 -1.06
N LEU B 43 -6.80 10.18 0.25
CA LEU B 43 -6.69 11.32 1.15
C LEU B 43 -5.69 10.86 2.21
N VAL B 44 -4.61 11.63 2.40
CA VAL B 44 -3.56 11.27 3.36
C VAL B 44 -3.11 12.46 4.20
N TRP B 45 -3.09 12.28 5.52
CA TRP B 45 -2.65 13.33 6.44
C TRP B 45 -1.18 13.20 6.85
N THR B 46 -0.49 14.33 6.96
CA THR B 46 0.90 14.37 7.39
C THR B 46 1.10 15.69 8.11
N ARG B 47 2.27 15.86 8.71
CA ARG B 47 2.58 17.12 9.36
C ARG B 47 3.09 18.01 8.22
N LEU B 48 3.37 19.27 8.53
CA LEU B 48 3.87 20.22 7.55
C LEU B 48 5.12 19.65 6.87
N HIS B 49 5.32 19.97 5.58
CA HIS B 49 6.47 19.50 4.83
C HIS B 49 6.52 17.97 4.74
N ASN B 50 5.36 17.33 4.72
CA ASN B 50 5.29 15.87 4.66
C ASN B 50 5.98 15.20 5.84
N GLY B 51 5.85 15.82 7.02
CA GLY B 51 6.45 15.28 8.21
C GLY B 51 5.68 14.07 8.73
N LYS B 52 6.40 13.12 9.32
CA LYS B 52 5.78 11.89 9.83
C LYS B 52 4.78 12.14 10.95
N LEU B 53 3.62 11.48 10.87
CA LEU B 53 2.59 11.61 11.90
C LEU B 53 3.04 11.00 13.22
N PRO B 54 2.48 11.48 14.34
CA PRO B 54 2.85 10.93 15.65
C PRO B 54 2.39 9.47 15.67
N SER B 55 3.08 8.64 16.43
CA SER B 55 2.73 7.22 16.53
C SER B 55 1.31 7.03 17.08
N ARG B 56 0.88 7.96 17.91
CA ARG B 56 -0.45 7.93 18.53
C ARG B 56 -1.54 8.40 17.57
N ALA B 57 -1.17 8.69 16.33
CA ALA B 57 -2.13 9.14 15.34
C ALA B 57 -2.65 8.03 14.45
N MET B 58 -3.94 8.06 14.18
CA MET B 58 -4.60 7.09 13.32
C MET B 58 -5.09 7.88 12.12
N ASP B 59 -4.83 7.41 10.90
CA ASP B 59 -5.26 8.12 9.69
C ASP B 59 -5.83 7.16 8.65
N PHE B 60 -7.12 7.31 8.35
CA PHE B 60 -7.78 6.45 7.36
C PHE B 60 -9.06 7.09 6.81
N ASN B 61 -9.24 6.99 5.50
CA ASN B 61 -10.43 7.53 4.83
C ASN B 61 -10.62 9.02 5.09
N GLY B 62 -9.51 9.76 5.18
CA GLY B 62 -9.59 11.19 5.40
C GLY B 62 -9.79 11.62 6.85
N ILE B 63 -9.90 10.68 7.76
CA ILE B 63 -10.11 11.01 9.17
C ILE B 63 -8.84 10.84 10.00
N LEU B 64 -8.35 11.95 10.55
CA LEU B 64 -7.15 11.94 11.39
C LEU B 64 -7.56 12.04 12.86
N THR B 65 -7.18 11.04 13.64
CA THR B 65 -7.48 11.01 15.05
C THR B 65 -6.19 10.87 15.87
N ILE B 66 -5.90 11.88 16.68
CA ILE B 66 -4.71 11.87 17.50
C ILE B 66 -5.18 11.61 18.93
N ARG B 67 -4.71 10.50 19.51
CA ARG B 67 -5.12 10.15 20.87
C ARG B 67 -4.05 10.48 21.92
N ASN B 68 -4.50 10.82 23.11
CA ASN B 68 -3.61 11.15 24.23
C ASN B 68 -2.58 12.18 23.77
N VAL B 69 -3.08 13.33 23.33
CA VAL B 69 -2.28 14.43 22.82
C VAL B 69 -1.13 14.92 23.70
N GLN B 70 0.00 15.17 23.06
CA GLN B 70 1.21 15.65 23.72
C GLN B 70 1.52 17.06 23.23
N PRO B 71 2.19 17.86 24.07
CA PRO B 71 2.52 19.22 23.65
C PRO B 71 3.20 19.23 22.28
N SER B 72 4.08 18.25 22.04
CA SER B 72 4.81 18.17 20.77
C SER B 72 3.90 17.98 19.55
N ASP B 73 2.65 17.58 19.78
CA ASP B 73 1.71 17.38 18.68
C ASP B 73 1.21 18.70 18.09
N ALA B 74 1.41 19.79 18.82
CA ALA B 74 0.97 21.10 18.35
C ALA B 74 1.62 21.47 17.02
N GLY B 75 0.83 22.07 16.13
CA GLY B 75 1.36 22.46 14.84
C GLY B 75 0.34 22.39 13.71
N THR B 76 0.83 22.55 12.48
CA THR B 76 -0.02 22.50 11.29
C THR B 76 0.00 21.11 10.65
N TYR B 77 -1.17 20.61 10.28
CA TYR B 77 -1.29 19.32 9.62
C TYR B 77 -1.83 19.54 8.22
N VAL B 78 -1.42 18.68 7.28
CA VAL B 78 -1.81 18.80 5.89
C VAL B 78 -2.48 17.56 5.30
N CYS B 79 -3.64 17.76 4.69
CA CYS B 79 -4.36 16.65 4.05
C CYS B 79 -4.09 16.74 2.56
N THR B 80 -3.52 15.69 1.99
CA THR B 80 -3.22 15.69 0.56
C THR B 80 -4.15 14.77 -0.23
N GLY B 81 -4.87 15.37 -1.19
CA GLY B 81 -5.77 14.61 -2.04
C GLY B 81 -5.03 14.26 -3.31
N SER B 82 -5.17 13.02 -3.78
CA SER B 82 -4.45 12.60 -4.98
C SER B 82 -5.16 11.59 -5.88
N ASN B 83 -4.96 11.73 -7.19
CA ASN B 83 -5.48 10.80 -8.18
C ASN B 83 -4.47 10.74 -9.34
N MET B 84 -4.75 9.94 -10.36
CA MET B 84 -3.80 9.81 -11.46
C MET B 84 -3.51 11.10 -12.22
N PHE B 85 -4.38 12.10 -12.08
CA PHE B 85 -4.24 13.37 -12.78
C PHE B 85 -3.58 14.52 -12.01
N ALA B 86 -3.83 14.62 -10.71
CA ALA B 86 -3.26 15.70 -9.93
C ALA B 86 -3.36 15.52 -8.42
N MET B 87 -2.95 16.55 -7.70
CA MET B 87 -2.99 16.57 -6.23
C MET B 87 -3.46 17.93 -5.73
N ASP B 88 -3.98 17.96 -4.52
CA ASP B 88 -4.43 19.21 -3.91
C ASP B 88 -4.23 19.09 -2.40
N GLN B 89 -4.05 20.22 -1.72
CA GLN B 89 -3.83 20.19 -0.28
C GLN B 89 -4.63 21.22 0.52
N GLY B 90 -4.95 20.84 1.75
CA GLY B 90 -5.68 21.69 2.67
C GLY B 90 -5.01 21.54 4.04
N THR B 91 -5.13 22.54 4.90
CA THR B 91 -4.50 22.46 6.22
C THR B 91 -5.42 22.58 7.42
N ALA B 92 -4.91 22.13 8.56
CA ALA B 92 -5.61 22.19 9.83
C ALA B 92 -4.54 22.54 10.87
N THR B 93 -4.94 23.11 12.00
CA THR B 93 -3.96 23.47 13.02
C THR B 93 -4.40 23.05 14.41
N LEU B 94 -3.44 22.57 15.19
CA LEU B 94 -3.68 22.11 16.55
C LEU B 94 -2.87 22.88 17.59
N HIS B 95 -3.55 23.33 18.64
CA HIS B 95 -2.93 24.06 19.72
C HIS B 95 -3.11 23.24 21.01
N VAL B 96 -2.07 23.18 21.84
CA VAL B 96 -2.12 22.42 23.08
C VAL B 96 -1.93 23.35 24.28
N GLN B 97 -2.91 23.33 25.18
CA GLN B 97 -2.90 24.16 26.38
C GLN B 97 -1.85 23.68 27.39
ZN ZN C . 1.79 7.61 -16.11
N1 EPE D . 0.42 24.29 1.95
C2 EPE D . -0.26 25.19 2.97
C3 EPE D . -1.62 25.60 2.39
N4 EPE D . -1.42 26.40 1.15
C5 EPE D . -0.70 25.57 0.11
C6 EPE D . 0.65 25.08 0.66
C7 EPE D . -2.71 26.84 0.49
C8 EPE D . -3.59 27.71 1.37
O8 EPE D . -4.35 28.68 0.65
C9 EPE D . 1.76 23.83 2.42
C10 EPE D . 1.99 22.35 2.02
S EPE D . 3.62 21.81 2.57
O1S EPE D . 3.73 20.43 2.16
O2S EPE D . 3.63 21.94 4.04
O3S EPE D . 4.56 22.67 1.92
#